data_4Y9D
#
_entry.id   4Y9D
#
_cell.length_a   61.762
_cell.length_b   61.762
_cell.length_c   134.713
_cell.angle_alpha   90.00
_cell.angle_beta   90.00
_cell.angle_gamma   120.00
#
_symmetry.space_group_name_H-M   'P 31 2 1'
#
loop_
_entity.id
_entity.type
_entity.pdbx_description
1 polymer 'C alpha-dehydrogenase'
2 non-polymer '1,4-DIHYDRONICOTINAMIDE ADENINE DINUCLEOTIDE'
3 water water
#
_entity_poly.entity_id   1
_entity_poly.type   'polypeptide(L)'
_entity_poly.pdbx_seq_one_letter_code
;MKDFQDQVAFITGGASGAGFGQAKVFGQAGAKIVVADVRAEAVEKAVAELEGLGITAHGIVLDIMDREAYARAADEVEAV
FGQAPTLLSNTAGVNSFGPIEKTTYDDFDWIIGVNLNGVINGMVTFVPRMIASGRPGHIVTVSSLGGFMGSALAGPYSAA
KAASINLMEGYRQGLEKYGIGVSVCTPANIKSNIAEASRLRPAKYGTSGYVENEESIASLHSIHQHGLEPEKLAEAIKKG
VEDNALYIIPYPEVREGLEKHFQAIIDSVAPMESDPEGARQRVEALMAWGRDRTRVFAEGDKKGA
;
_entity_poly.pdbx_strand_id   A
#
# COMPACT_ATOMS: atom_id res chain seq x y z
N ASP A 3 4.97 2.59 21.06
CA ASP A 3 3.62 2.41 20.52
C ASP A 3 3.65 1.43 19.35
N PHE A 4 4.69 1.54 18.52
CA PHE A 4 4.97 0.56 17.47
C PHE A 4 6.31 -0.12 17.76
N GLN A 5 6.82 0.09 18.98
CA GLN A 5 8.08 -0.51 19.39
C GLN A 5 8.04 -2.03 19.19
N ASP A 6 9.14 -2.57 18.67
CA ASP A 6 9.22 -3.99 18.35
C ASP A 6 8.05 -4.42 17.46
N GLN A 7 7.77 -3.59 16.47
CA GLN A 7 6.99 -4.00 15.31
C GLN A 7 7.94 -4.00 14.13
N VAL A 8 7.70 -4.85 13.16
CA VAL A 8 8.50 -4.89 11.95
C VAL A 8 7.60 -4.54 10.78
N ALA A 9 7.99 -3.50 10.04
CA ALA A 9 7.18 -2.97 8.96
C ALA A 9 7.87 -3.11 7.61
N PHE A 10 7.18 -3.72 6.66
CA PHE A 10 7.68 -3.97 5.30
C PHE A 10 6.94 -3.07 4.32
N ILE A 11 7.64 -2.09 3.78
CA ILE A 11 7.05 -1.03 2.99
C ILE A 11 7.57 -1.03 1.56
N THR A 12 6.69 -1.26 0.59
CA THR A 12 7.05 -1.18 -0.83
C THR A 12 7.02 0.27 -1.31
N GLY A 13 7.86 0.58 -2.28
CA GLY A 13 8.02 1.95 -2.75
C GLY A 13 8.40 2.85 -1.57
N GLY A 14 9.09 2.27 -0.61
CA GLY A 14 9.44 2.98 0.61
C GLY A 14 10.65 3.88 0.45
N ALA A 15 11.30 3.82 -0.71
CA ALA A 15 12.47 4.68 -0.95
C ALA A 15 12.04 6.08 -1.34
N SER A 16 10.73 6.35 -1.35
CA SER A 16 10.26 7.65 -1.79
C SER A 16 8.80 7.93 -1.45
N GLY A 17 8.42 9.19 -1.55
CA GLY A 17 7.04 9.62 -1.42
C GLY A 17 6.33 9.07 -0.20
N ALA A 18 5.13 8.55 -0.40
CA ALA A 18 4.28 8.11 0.71
C ALA A 18 4.87 6.91 1.42
N GLY A 19 5.59 6.06 0.69
CA GLY A 19 6.27 4.95 1.31
C GLY A 19 7.34 5.41 2.29
N PHE A 20 8.21 6.32 1.84
CA PHE A 20 9.25 6.83 2.72
C PHE A 20 8.65 7.56 3.92
N GLY A 21 7.61 8.33 3.67
CA GLY A 21 6.92 9.01 4.75
C GLY A 21 6.52 8.01 5.82
N GLN A 22 5.93 6.90 5.40
CA GLN A 22 5.55 5.84 6.35
C GLN A 22 6.72 5.22 7.08
N ALA A 23 7.81 4.96 6.35
CA ALA A 23 9.03 4.47 6.99
C ALA A 23 9.42 5.40 8.12
N LYS A 24 9.32 6.69 7.86
CA LYS A 24 9.75 7.67 8.82
C LYS A 24 8.80 7.71 10.00
N VAL A 25 7.52 7.84 9.70
CA VAL A 25 6.51 7.98 10.74
C VAL A 25 6.39 6.71 11.60
N PHE A 26 6.39 5.54 10.96
CA PHE A 26 6.36 4.31 11.74
C PHE A 26 7.68 4.18 12.50
N GLY A 27 8.79 4.48 11.83
CA GLY A 27 10.11 4.43 12.44
C GLY A 27 10.23 5.27 13.70
N GLN A 28 9.76 6.50 13.63
CA GLN A 28 9.75 7.39 14.78
C GLN A 28 8.83 6.93 15.89
N ALA A 29 7.99 5.96 15.62
CA ALA A 29 7.09 5.44 16.64
C ALA A 29 7.70 4.18 17.27
N GLY A 30 8.81 3.70 16.73
CA GLY A 30 9.55 2.59 17.31
C GLY A 30 9.68 1.35 16.45
N ALA A 31 9.10 1.40 15.25
CA ALA A 31 9.10 0.26 14.35
C ALA A 31 10.44 0.06 13.70
N LYS A 32 10.82 -1.20 13.53
CA LYS A 32 11.95 -1.55 12.69
C LYS A 32 11.43 -1.55 11.27
N ILE A 33 12.19 -0.98 10.35
CA ILE A 33 11.69 -0.78 8.98
C ILE A 33 12.42 -1.60 7.95
N VAL A 34 11.67 -2.21 7.04
CA VAL A 34 12.25 -2.78 5.82
C VAL A 34 11.80 -1.93 4.63
N VAL A 35 12.76 -1.34 3.94
CA VAL A 35 12.49 -0.54 2.76
C VAL A 35 12.68 -1.40 1.55
N ALA A 36 11.56 -1.74 0.91
CA ALA A 36 11.56 -2.51 -0.33
C ALA A 36 11.24 -1.59 -1.49
N ASP A 37 12.19 -1.44 -2.41
CA ASP A 37 11.97 -0.59 -3.58
C ASP A 37 12.84 -1.11 -4.68
N VAL A 38 12.48 -0.79 -5.92
CA VAL A 38 13.14 -1.35 -7.08
C VAL A 38 14.40 -0.58 -7.47
N ARG A 39 14.50 0.67 -7.03
CA ARG A 39 15.66 1.52 -7.32
C ARG A 39 16.74 1.35 -6.24
N ALA A 40 17.76 0.55 -6.54
CA ALA A 40 18.77 0.19 -5.55
C ALA A 40 19.46 1.40 -4.94
N GLU A 41 19.69 2.42 -5.76
CA GLU A 41 20.35 3.62 -5.30
C GLU A 41 19.44 4.39 -4.35
N ALA A 42 18.16 4.46 -4.68
CA ALA A 42 17.21 5.23 -3.88
C ALA A 42 16.98 4.56 -2.53
N VAL A 43 17.00 3.23 -2.54
CA VAL A 43 16.90 2.45 -1.32
C VAL A 43 18.04 2.79 -0.38
N GLU A 44 19.25 2.63 -0.88
CA GLU A 44 20.48 2.93 -0.13
C GLU A 44 20.39 4.28 0.55
N LYS A 45 20.05 5.30 -0.23
CA LYS A 45 19.87 6.64 0.29
C LYS A 45 18.80 6.64 1.37
N ALA A 46 17.66 6.04 1.07
CA ALA A 46 16.52 6.11 1.97
C ALA A 46 16.86 5.52 3.33
N VAL A 47 17.54 4.38 3.37
CA VAL A 47 17.92 3.76 4.64
C VAL A 47 19.03 4.55 5.40
N ALA A 48 19.98 5.13 4.67
CA ALA A 48 20.98 5.98 5.31
C ALA A 48 20.25 7.06 6.07
N GLU A 49 19.24 7.64 5.42
CA GLU A 49 18.51 8.76 5.96
C GLU A 49 17.66 8.34 7.15
N LEU A 50 17.21 7.08 7.15
CA LEU A 50 16.41 6.57 8.26
C LEU A 50 17.31 6.29 9.45
N GLU A 51 18.47 5.71 9.17
CA GLU A 51 19.45 5.43 10.21
C GLU A 51 19.91 6.75 10.83
N GLY A 52 20.12 7.75 10.00
CA GLY A 52 20.42 9.10 10.46
C GLY A 52 19.41 9.62 11.46
N LEU A 53 18.18 9.10 11.39
CA LEU A 53 17.10 9.51 12.28
C LEU A 53 16.92 8.58 13.49
N GLY A 54 17.83 7.63 13.65
CA GLY A 54 17.77 6.70 14.77
C GLY A 54 16.77 5.58 14.57
N ILE A 55 16.43 5.32 13.31
CA ILE A 55 15.52 4.22 12.98
C ILE A 55 16.35 3.02 12.54
N THR A 56 16.04 1.85 13.09
CA THR A 56 16.67 0.64 12.62
C THR A 56 15.97 0.28 11.31
N ALA A 57 16.73 0.17 10.23
CA ALA A 57 16.17 0.03 8.91
C ALA A 57 17.03 -0.87 8.04
N HIS A 58 16.38 -1.79 7.32
CA HIS A 58 17.07 -2.61 6.33
C HIS A 58 16.52 -2.33 4.93
N GLY A 59 17.40 -2.43 3.95
CA GLY A 59 17.09 -2.12 2.58
C GLY A 59 17.05 -3.38 1.75
N ILE A 60 16.01 -3.52 0.94
CA ILE A 60 15.88 -4.64 0.02
C ILE A 60 15.52 -4.13 -1.36
N VAL A 61 16.42 -4.28 -2.30
CA VAL A 61 16.09 -3.94 -3.66
C VAL A 61 15.15 -5.01 -4.18
N LEU A 62 13.99 -4.61 -4.70
CA LEU A 62 12.98 -5.59 -5.08
C LEU A 62 11.99 -5.03 -6.09
N ASP A 63 11.72 -5.84 -7.10
CA ASP A 63 10.61 -5.60 -8.00
C ASP A 63 9.49 -6.52 -7.58
N ILE A 64 8.45 -5.93 -6.98
CA ILE A 64 7.33 -6.69 -6.44
C ILE A 64 6.56 -7.50 -7.48
N MET A 65 6.85 -7.28 -8.76
CA MET A 65 6.27 -8.07 -9.82
C MET A 65 6.98 -9.42 -9.97
N ASP A 66 8.14 -9.58 -9.32
CA ASP A 66 8.85 -10.87 -9.30
C ASP A 66 8.46 -11.67 -8.06
N ARG A 67 7.65 -12.70 -8.27
CA ARG A 67 7.08 -13.47 -7.17
C ARG A 67 8.10 -14.23 -6.36
N GLU A 68 9.17 -14.67 -7.00
CA GLU A 68 10.14 -15.52 -6.32
C GLU A 68 11.11 -14.67 -5.52
N ALA A 69 11.48 -13.51 -6.06
CA ALA A 69 12.27 -12.54 -5.30
C ALA A 69 11.48 -12.03 -4.12
N TYR A 70 10.17 -11.84 -4.30
CA TYR A 70 9.34 -11.36 -3.21
C TYR A 70 9.40 -12.40 -2.09
N ALA A 71 9.55 -13.66 -2.48
CA ALA A 71 9.69 -14.73 -1.51
C ALA A 71 11.07 -14.73 -0.86
N ARG A 72 12.10 -14.39 -1.63
CA ARG A 72 13.46 -14.28 -1.08
C ARG A 72 13.51 -13.15 -0.05
N ALA A 73 12.96 -12.00 -0.42
CA ALA A 73 12.83 -10.89 0.50
C ALA A 73 12.19 -11.31 1.82
N ALA A 74 11.02 -11.91 1.76
CA ALA A 74 10.30 -12.31 2.98
C ALA A 74 11.19 -13.16 3.87
N ASP A 75 11.92 -14.09 3.25
CA ASP A 75 12.89 -14.89 3.96
C ASP A 75 13.96 -13.97 4.52
N GLU A 76 14.48 -13.07 3.68
CA GLU A 76 15.51 -12.14 4.12
C GLU A 76 15.08 -11.38 5.37
N VAL A 77 13.83 -10.92 5.39
CA VAL A 77 13.31 -10.18 6.53
C VAL A 77 13.35 -11.00 7.80
N GLU A 78 13.08 -12.29 7.69
CA GLU A 78 13.03 -13.14 8.87
C GLU A 78 14.45 -13.41 9.35
N ALA A 79 15.40 -13.39 8.42
CA ALA A 79 16.79 -13.61 8.74
C ALA A 79 17.35 -12.43 9.52
N VAL A 80 17.11 -11.23 9.00
CA VAL A 80 17.58 -9.99 9.60
C VAL A 80 16.91 -9.70 10.95
N PHE A 81 15.57 -9.70 10.99
CA PHE A 81 14.87 -9.27 12.21
C PHE A 81 14.28 -10.42 13.00
N GLY A 82 14.51 -11.65 12.56
CA GLY A 82 14.15 -12.81 13.34
C GLY A 82 12.67 -13.11 13.39
N GLN A 83 11.90 -12.53 12.48
CA GLN A 83 10.45 -12.74 12.44
C GLN A 83 9.87 -12.16 11.17
N ALA A 84 8.68 -12.62 10.80
CA ALA A 84 8.00 -12.02 9.67
C ALA A 84 7.53 -10.63 10.07
N PRO A 85 7.24 -9.79 9.08
CA PRO A 85 6.68 -8.47 9.39
C PRO A 85 5.39 -8.57 10.17
N THR A 86 5.15 -7.59 11.03
CA THR A 86 3.89 -7.46 11.73
C THR A 86 3.10 -6.31 11.11
N LEU A 87 3.69 -5.65 10.13
CA LEU A 87 3.03 -4.59 9.41
C LEU A 87 3.47 -4.59 7.95
N LEU A 88 2.51 -4.82 7.06
CA LEU A 88 2.76 -4.80 5.62
C LEU A 88 2.10 -3.59 4.99
N SER A 89 2.88 -2.83 4.24
CA SER A 89 2.38 -1.70 3.49
C SER A 89 2.72 -1.80 2.01
N ASN A 90 1.67 -2.01 1.22
CA ASN A 90 1.76 -2.09 -0.22
C ASN A 90 1.53 -0.69 -0.77
N THR A 91 2.62 0.05 -0.92
CA THR A 91 2.53 1.46 -1.29
C THR A 91 3.07 1.74 -2.68
N ALA A 92 3.96 0.88 -3.17
CA ALA A 92 4.56 1.10 -4.48
C ALA A 92 3.50 1.29 -5.54
N GLY A 93 3.68 2.28 -6.40
CA GLY A 93 2.74 2.58 -7.45
C GLY A 93 3.42 3.23 -8.63
N VAL A 94 2.78 3.17 -9.79
CA VAL A 94 3.26 3.86 -10.98
C VAL A 94 2.05 4.25 -11.81
N ASN A 95 2.25 5.21 -12.71
CA ASN A 95 1.19 5.61 -13.61
C ASN A 95 1.74 6.31 -14.83
N SER A 96 0.88 6.50 -15.82
CA SER A 96 1.20 7.25 -17.00
C SER A 96 -0.11 7.70 -17.58
N PHE A 97 -0.17 8.93 -18.08
CA PHE A 97 -1.42 9.48 -18.60
C PHE A 97 -1.51 9.39 -20.10
N GLY A 98 -2.73 9.12 -20.57
CA GLY A 98 -3.05 9.15 -21.98
C GLY A 98 -4.47 8.62 -22.23
N PRO A 99 -4.98 8.79 -23.46
CA PRO A 99 -6.33 8.35 -23.78
C PRO A 99 -6.50 6.83 -23.63
N ILE A 100 -7.51 6.46 -22.86
CA ILE A 100 -7.74 5.05 -22.53
C ILE A 100 -7.84 4.15 -23.78
N GLU A 101 -8.38 4.67 -24.90
CA GLU A 101 -8.51 3.88 -26.14
C GLU A 101 -7.16 3.58 -26.78
N LYS A 102 -6.16 4.41 -26.46
CA LYS A 102 -4.83 4.28 -27.05
C LYS A 102 -3.96 3.34 -26.22
N THR A 103 -4.53 2.80 -25.15
CA THR A 103 -3.73 2.00 -24.23
C THR A 103 -3.28 0.73 -24.90
N THR A 104 -2.06 0.29 -24.57
CA THR A 104 -1.41 -0.85 -25.19
C THR A 104 -1.17 -1.91 -24.14
N TYR A 105 -0.88 -3.13 -24.59
CA TYR A 105 -0.64 -4.23 -23.67
C TYR A 105 0.48 -3.90 -22.68
N ASP A 106 1.56 -3.33 -23.18
CA ASP A 106 2.66 -2.96 -22.30
C ASP A 106 2.23 -1.92 -21.26
N ASP A 107 1.41 -0.95 -21.66
CA ASP A 107 0.82 -0.02 -20.69
C ASP A 107 0.09 -0.80 -19.60
N PHE A 108 -0.73 -1.79 -20.01
CA PHE A 108 -1.52 -2.59 -19.07
C PHE A 108 -0.62 -3.42 -18.17
N ASP A 109 0.30 -4.17 -18.76
CA ASP A 109 1.13 -5.07 -17.96
C ASP A 109 1.95 -4.29 -16.94
N TRP A 110 2.49 -3.13 -17.32
CA TRP A 110 3.30 -2.37 -16.37
C TRP A 110 2.43 -1.85 -15.22
N ILE A 111 1.32 -1.21 -15.60
CA ILE A 111 0.52 -0.48 -14.63
C ILE A 111 -0.36 -1.39 -13.77
N ILE A 112 -0.96 -2.40 -14.38
CA ILE A 112 -1.69 -3.42 -13.64
C ILE A 112 -0.69 -4.24 -12.84
N GLY A 113 0.45 -4.49 -13.47
CA GLY A 113 1.55 -5.19 -12.82
C GLY A 113 1.93 -4.60 -11.48
N VAL A 114 2.26 -3.30 -11.42
CA VAL A 114 2.69 -2.72 -10.16
C VAL A 114 1.51 -2.52 -9.23
N ASN A 115 0.48 -1.86 -9.73
CA ASN A 115 -0.62 -1.44 -8.87
C ASN A 115 -1.61 -2.52 -8.41
N LEU A 116 -1.67 -3.68 -9.10
CA LEU A 116 -2.51 -4.82 -8.65
C LEU A 116 -1.67 -6.08 -8.41
N ASN A 117 -0.95 -6.54 -9.42
CA ASN A 117 -0.26 -7.82 -9.28
C ASN A 117 0.79 -7.75 -8.19
N GLY A 118 1.38 -6.57 -8.04
CA GLY A 118 2.37 -6.33 -7.01
C GLY A 118 1.78 -6.56 -5.63
N VAL A 119 0.54 -6.13 -5.43
CA VAL A 119 -0.01 -6.19 -4.10
C VAL A 119 -0.54 -7.59 -3.85
N ILE A 120 -0.96 -8.29 -4.90
CA ILE A 120 -1.33 -9.70 -4.77
C ILE A 120 -0.10 -10.47 -4.31
N ASN A 121 1.00 -10.30 -5.04
CA ASN A 121 2.28 -10.89 -4.65
C ASN A 121 2.62 -10.57 -3.19
N GLY A 122 2.33 -9.35 -2.76
CA GLY A 122 2.60 -8.96 -1.38
C GLY A 122 1.73 -9.77 -0.43
N MET A 123 0.45 -9.90 -0.77
CA MET A 123 -0.50 -10.61 0.08
C MET A 123 -0.21 -12.11 0.13
N VAL A 124 0.09 -12.72 -1.01
CA VAL A 124 0.27 -14.16 -1.05
C VAL A 124 1.55 -14.51 -0.30
N THR A 125 2.56 -13.67 -0.47
CA THR A 125 3.84 -13.93 0.18
C THR A 125 3.71 -13.89 1.70
N PHE A 126 3.14 -12.81 2.22
CA PHE A 126 3.24 -12.51 3.65
C PHE A 126 2.10 -13.04 4.52
N VAL A 127 0.88 -13.10 3.99
CA VAL A 127 -0.30 -13.46 4.78
C VAL A 127 -0.13 -14.80 5.52
N PRO A 128 0.38 -15.82 4.83
CA PRO A 128 0.55 -17.07 5.57
C PRO A 128 1.60 -16.97 6.68
N ARG A 129 2.70 -16.26 6.41
CA ARG A 129 3.76 -16.08 7.40
C ARG A 129 3.27 -15.28 8.61
N MET A 130 2.51 -14.22 8.35
CA MET A 130 1.95 -13.40 9.42
C MET A 130 0.97 -14.21 10.25
N ILE A 131 0.26 -15.13 9.60
CA ILE A 131 -0.70 -15.98 10.30
C ILE A 131 0.06 -17.00 11.14
N ALA A 132 1.07 -17.63 10.54
CA ALA A 132 1.89 -18.61 11.22
C ALA A 132 2.68 -18.02 12.38
N SER A 133 2.90 -16.70 12.38
CA SER A 133 3.59 -16.09 13.49
C SER A 133 2.72 -16.14 14.73
N GLY A 134 1.40 -16.13 14.54
CA GLY A 134 0.47 -16.11 15.66
C GLY A 134 0.58 -14.80 16.44
N ARG A 135 1.09 -13.77 15.80
CA ARG A 135 1.11 -12.44 16.38
C ARG A 135 0.06 -11.56 15.70
N PRO A 136 -0.54 -10.63 16.47
CA PRO A 136 -1.35 -9.56 15.88
C PRO A 136 -0.58 -8.87 14.77
N GLY A 137 -1.28 -8.24 13.84
CA GLY A 137 -0.62 -7.59 12.75
C GLY A 137 -1.53 -6.63 12.06
N HIS A 138 -1.04 -6.03 10.98
CA HIS A 138 -1.87 -5.17 10.16
C HIS A 138 -1.35 -5.01 8.74
N ILE A 139 -2.25 -4.77 7.80
CA ILE A 139 -1.91 -4.64 6.38
C ILE A 139 -2.60 -3.42 5.78
N VAL A 140 -1.81 -2.57 5.15
CA VAL A 140 -2.31 -1.38 4.49
C VAL A 140 -1.89 -1.41 3.06
N THR A 141 -2.80 -1.02 2.19
CA THR A 141 -2.50 -0.82 0.80
C THR A 141 -2.85 0.61 0.51
N VAL A 142 -1.90 1.33 -0.07
CA VAL A 142 -2.16 2.66 -0.56
C VAL A 142 -2.62 2.50 -2.00
N SER A 143 -3.91 2.69 -2.19
CA SER A 143 -4.52 2.61 -3.49
C SER A 143 -4.69 4.03 -4.02
N SER A 144 -5.91 4.40 -4.35
CA SER A 144 -6.18 5.72 -4.90
C SER A 144 -7.66 6.05 -4.92
N LEU A 145 -7.97 7.33 -4.87
CA LEU A 145 -9.34 7.76 -5.02
C LEU A 145 -9.87 7.37 -6.40
N GLY A 146 -8.97 7.17 -7.36
CA GLY A 146 -9.37 6.82 -8.71
C GLY A 146 -9.91 5.41 -8.78
N GLY A 147 -9.61 4.63 -7.74
CA GLY A 147 -10.14 3.30 -7.58
C GLY A 147 -11.64 3.30 -7.35
N PHE A 148 -12.20 4.44 -6.97
CA PHE A 148 -13.63 4.54 -6.76
C PHE A 148 -14.37 4.97 -8.03
N MET A 149 -13.62 5.40 -9.04
CA MET A 149 -14.22 5.99 -10.23
C MET A 149 -13.29 5.93 -11.43
N GLY A 150 -13.68 5.16 -12.43
CA GLY A 150 -12.86 5.01 -13.63
C GLY A 150 -12.68 6.33 -14.37
N SER A 151 -11.62 6.42 -15.17
CA SER A 151 -11.31 7.65 -15.87
C SER A 151 -10.72 7.37 -17.24
N ALA A 152 -10.89 8.35 -18.12
CA ALA A 152 -10.48 8.19 -19.50
C ALA A 152 -9.00 8.48 -19.72
N LEU A 153 -8.32 9.13 -18.76
CA LEU A 153 -6.90 9.43 -18.91
C LEU A 153 -5.99 8.61 -17.99
N ALA A 154 -6.57 8.08 -16.92
CA ALA A 154 -5.84 7.18 -16.03
C ALA A 154 -6.56 5.84 -15.92
N GLY A 155 -6.92 5.29 -17.07
CA GLY A 155 -7.81 4.13 -17.14
C GLY A 155 -7.28 2.87 -16.46
N PRO A 156 -6.12 2.39 -16.91
CA PRO A 156 -5.47 1.21 -16.34
C PRO A 156 -5.14 1.37 -14.85
N TYR A 157 -4.66 2.56 -14.49
CA TYR A 157 -4.28 2.85 -13.12
C TYR A 157 -5.50 2.75 -12.21
N SER A 158 -6.55 3.46 -12.58
CA SER A 158 -7.80 3.47 -11.83
C SER A 158 -8.40 2.08 -11.64
N ALA A 159 -8.26 1.24 -12.65
CA ALA A 159 -8.87 -0.07 -12.60
C ALA A 159 -8.12 -0.95 -11.62
N ALA A 160 -6.80 -0.82 -11.63
CA ALA A 160 -5.97 -1.61 -10.74
C ALA A 160 -6.23 -1.22 -9.30
N LYS A 161 -6.39 0.07 -9.08
CA LYS A 161 -6.63 0.62 -7.75
C LYS A 161 -8.01 0.22 -7.24
N ALA A 162 -8.98 0.13 -8.16
CA ALA A 162 -10.33 -0.31 -7.79
C ALA A 162 -10.25 -1.75 -7.30
N ALA A 163 -9.45 -2.55 -7.99
CA ALA A 163 -9.27 -3.94 -7.57
C ALA A 163 -8.57 -4.05 -6.21
N SER A 164 -7.55 -3.23 -5.97
CA SER A 164 -6.78 -3.36 -4.73
C SER A 164 -7.65 -2.89 -3.57
N ILE A 165 -8.48 -1.88 -3.79
CA ILE A 165 -9.46 -1.51 -2.77
C ILE A 165 -10.37 -2.71 -2.48
N ASN A 166 -11.01 -3.26 -3.52
CA ASN A 166 -11.93 -4.38 -3.34
C ASN A 166 -11.24 -5.55 -2.67
N LEU A 167 -10.04 -5.84 -3.12
CA LEU A 167 -9.27 -6.92 -2.54
C LEU A 167 -8.98 -6.72 -1.03
N MET A 168 -8.71 -5.48 -0.62
CA MET A 168 -8.49 -5.22 0.80
C MET A 168 -9.79 -5.38 1.57
N GLU A 169 -10.90 -4.99 0.95
CA GLU A 169 -12.20 -5.15 1.59
C GLU A 169 -12.38 -6.61 1.93
N GLY A 170 -11.90 -7.48 1.04
CA GLY A 170 -12.07 -8.91 1.20
C GLY A 170 -11.20 -9.44 2.31
N TYR A 171 -9.92 -9.07 2.29
CA TYR A 171 -8.96 -9.57 3.25
C TYR A 171 -9.23 -9.11 4.67
N ARG A 172 -9.78 -7.92 4.82
CA ARG A 172 -10.24 -7.46 6.12
C ARG A 172 -11.17 -8.49 6.72
N GLN A 173 -12.19 -8.86 5.95
CA GLN A 173 -13.14 -9.87 6.42
C GLN A 173 -12.45 -11.19 6.71
N GLY A 174 -11.53 -11.62 5.86
CA GLY A 174 -10.90 -12.91 6.05
C GLY A 174 -9.99 -12.96 7.27
N LEU A 175 -9.28 -11.86 7.51
CA LEU A 175 -8.17 -11.88 8.48
C LEU A 175 -8.54 -11.41 9.88
N GLU A 176 -9.75 -10.88 10.06
CA GLU A 176 -10.17 -10.38 11.36
C GLU A 176 -10.06 -11.48 12.41
N LYS A 177 -10.40 -12.69 12.00
CA LYS A 177 -10.35 -13.84 12.91
C LYS A 177 -8.92 -14.20 13.31
N TYR A 178 -7.94 -13.53 12.70
CA TYR A 178 -6.54 -13.79 13.01
C TYR A 178 -5.88 -12.62 13.75
N GLY A 179 -6.70 -11.65 14.17
CA GLY A 179 -6.19 -10.48 14.86
C GLY A 179 -5.36 -9.60 13.95
N ILE A 180 -5.51 -9.78 12.64
CA ILE A 180 -4.80 -8.99 11.65
C ILE A 180 -5.77 -8.02 10.98
N GLY A 181 -5.63 -6.74 11.26
CA GLY A 181 -6.48 -5.75 10.63
C GLY A 181 -6.00 -5.42 9.23
N VAL A 182 -6.91 -4.91 8.42
CA VAL A 182 -6.61 -4.53 7.04
C VAL A 182 -7.22 -3.16 6.74
N SER A 183 -6.43 -2.28 6.12
CA SER A 183 -6.92 -0.97 5.70
C SER A 183 -6.52 -0.70 4.26
N VAL A 184 -7.23 0.21 3.62
CA VAL A 184 -6.82 0.73 2.32
C VAL A 184 -6.87 2.26 2.34
N CYS A 185 -5.75 2.88 1.94
CA CYS A 185 -5.68 4.32 1.84
C CYS A 185 -5.93 4.74 0.40
N THR A 186 -6.84 5.69 0.21
CA THR A 186 -7.15 6.16 -1.14
C THR A 186 -6.86 7.66 -1.26
N PRO A 187 -5.60 8.02 -1.57
CA PRO A 187 -5.25 9.43 -1.77
C PRO A 187 -5.89 10.05 -3.00
N ALA A 188 -6.09 11.36 -2.96
CA ALA A 188 -6.62 12.12 -4.10
C ALA A 188 -5.52 12.58 -5.04
N ASN A 189 -5.15 11.73 -5.98
CA ASN A 189 -4.16 12.04 -7.01
C ASN A 189 -4.75 11.92 -8.44
N ILE A 190 -5.72 12.78 -8.76
CA ILE A 190 -6.40 12.77 -10.06
C ILE A 190 -6.08 14.04 -10.84
N HIS A 226 -0.71 22.34 -2.59
CA HIS A 226 -1.64 21.75 -3.54
C HIS A 226 -1.47 20.23 -3.60
N GLY A 227 -2.28 19.53 -2.81
CA GLY A 227 -2.15 18.08 -2.66
C GLY A 227 -1.54 17.77 -1.30
N LEU A 228 -1.94 16.66 -0.69
CA LEU A 228 -1.51 16.35 0.67
C LEU A 228 -0.08 15.80 0.72
N GLU A 229 0.75 16.42 1.56
CA GLU A 229 2.18 16.08 1.69
C GLU A 229 2.38 14.62 2.10
N PRO A 230 3.49 14.00 1.66
CA PRO A 230 3.78 12.60 2.00
C PRO A 230 3.79 12.32 3.50
N GLU A 231 4.28 13.25 4.31
CA GLU A 231 4.32 13.00 5.75
C GLU A 231 2.95 13.19 6.38
N LYS A 232 2.17 14.14 5.88
CA LYS A 232 0.80 14.30 6.33
C LYS A 232 -0.01 13.02 6.01
N LEU A 233 0.12 12.51 4.80
CA LEU A 233 -0.58 11.26 4.44
C LEU A 233 -0.06 10.10 5.31
N ALA A 234 1.25 10.10 5.60
CA ALA A 234 1.84 9.05 6.42
C ALA A 234 1.20 9.02 7.80
N GLU A 235 1.01 10.20 8.39
CA GLU A 235 0.41 10.29 9.72
C GLU A 235 -1.07 9.86 9.69
N ALA A 236 -1.74 10.12 8.57
CA ALA A 236 -3.14 9.68 8.42
C ALA A 236 -3.20 8.16 8.41
N ILE A 237 -2.26 7.55 7.70
CA ILE A 237 -2.19 6.10 7.60
C ILE A 237 -1.92 5.46 8.94
N LYS A 238 -1.01 6.03 9.72
CA LYS A 238 -0.65 5.47 11.02
C LYS A 238 -1.86 5.52 11.94
N LYS A 239 -2.61 6.61 11.82
CA LYS A 239 -3.83 6.81 12.59
C LYS A 239 -4.85 5.74 12.21
N GLY A 240 -4.99 5.50 10.92
CA GLY A 240 -5.90 4.48 10.43
C GLY A 240 -5.51 3.10 10.91
N VAL A 241 -4.21 2.85 11.01
CA VAL A 241 -3.71 1.58 11.51
C VAL A 241 -4.07 1.43 12.98
N GLU A 242 -3.85 2.48 13.75
CA GLU A 242 -4.22 2.47 15.15
C GLU A 242 -5.74 2.27 15.29
N ASP A 243 -6.51 2.97 14.47
CA ASP A 243 -7.96 2.94 14.61
C ASP A 243 -8.56 1.65 14.04
N ASN A 244 -7.70 0.85 13.39
CA ASN A 244 -8.15 -0.26 12.55
C ASN A 244 -9.28 0.12 11.60
N ALA A 245 -9.07 1.18 10.84
CA ALA A 245 -10.07 1.66 9.90
C ALA A 245 -9.95 0.92 8.59
N LEU A 246 -11.08 0.55 8.00
CA LEU A 246 -11.03 -0.06 6.68
C LEU A 246 -10.58 0.95 5.63
N TYR A 247 -11.18 2.13 5.63
CA TYR A 247 -10.86 3.14 4.62
C TYR A 247 -10.10 4.29 5.28
N ILE A 248 -9.06 4.77 4.60
CA ILE A 248 -8.32 5.94 5.05
C ILE A 248 -8.35 6.99 3.94
N ILE A 249 -9.21 7.98 4.14
CA ILE A 249 -9.50 8.99 3.14
C ILE A 249 -9.40 10.37 3.78
N PRO A 250 -8.17 10.88 3.97
CA PRO A 250 -7.93 12.13 4.67
C PRO A 250 -8.08 13.36 3.77
N TYR A 251 -9.16 13.41 2.99
CA TYR A 251 -9.37 14.50 2.05
C TYR A 251 -10.81 14.97 2.09
N PRO A 252 -11.20 15.73 3.12
CA PRO A 252 -12.58 16.19 3.29
C PRO A 252 -13.26 16.71 2.03
N GLU A 253 -12.47 17.18 1.07
CA GLU A 253 -13.00 17.85 -0.11
C GLU A 253 -13.67 16.90 -1.12
N VAL A 254 -13.29 15.62 -1.13
CA VAL A 254 -13.81 14.68 -2.13
C VAL A 254 -15.20 14.13 -1.83
N ARG A 255 -15.73 14.43 -0.66
CA ARG A 255 -16.95 13.80 -0.19
C ARG A 255 -18.12 14.02 -1.16
N GLU A 256 -18.29 15.26 -1.60
CA GLU A 256 -19.38 15.61 -2.51
C GLU A 256 -19.32 14.76 -3.78
N GLY A 257 -18.13 14.66 -4.36
CA GLY A 257 -17.96 13.96 -5.62
C GLY A 257 -18.24 12.47 -5.46
N LEU A 258 -17.72 11.91 -4.37
CA LEU A 258 -17.91 10.49 -4.08
C LEU A 258 -19.40 10.16 -3.86
N GLU A 259 -20.11 11.00 -3.13
CA GLU A 259 -21.54 10.81 -2.89
C GLU A 259 -22.29 10.81 -4.22
N LYS A 260 -21.85 11.70 -5.11
CA LYS A 260 -22.51 11.86 -6.40
C LYS A 260 -22.31 10.61 -7.25
N HIS A 261 -21.07 10.17 -7.36
CA HIS A 261 -20.73 8.98 -8.14
C HIS A 261 -21.49 7.76 -7.67
N PHE A 262 -21.62 7.62 -6.36
CA PHE A 262 -22.27 6.47 -5.78
C PHE A 262 -23.78 6.53 -6.00
N GLN A 263 -24.34 7.74 -5.95
CA GLN A 263 -25.77 7.89 -6.17
C GLN A 263 -26.13 7.50 -7.59
N ALA A 264 -25.27 7.85 -8.54
CA ALA A 264 -25.50 7.51 -9.94
C ALA A 264 -25.64 6.00 -10.13
N ILE A 265 -24.83 5.25 -9.39
CA ILE A 265 -24.94 3.81 -9.39
C ILE A 265 -26.26 3.38 -8.76
N ILE A 266 -26.57 3.88 -7.57
CA ILE A 266 -27.81 3.52 -6.89
C ILE A 266 -29.02 3.83 -7.76
N ASP A 267 -28.99 4.98 -8.44
CA ASP A 267 -30.10 5.36 -9.32
C ASP A 267 -30.25 4.39 -10.50
N SER A 268 -29.21 3.62 -10.80
CA SER A 268 -29.26 2.68 -11.91
C SER A 268 -29.94 1.37 -11.55
N VAL A 269 -30.12 1.11 -10.26
CA VAL A 269 -30.78 -0.12 -9.84
C VAL A 269 -32.23 -0.13 -10.31
N ALA A 270 -32.62 -1.22 -10.99
CA ALA A 270 -33.97 -1.34 -11.55
C ALA A 270 -35.03 -1.26 -10.48
N PRO A 271 -36.08 -0.47 -10.71
CA PRO A 271 -37.23 -0.65 -9.81
C PRO A 271 -37.84 -2.03 -10.01
N MET A 272 -38.64 -2.54 -9.09
CA MET A 272 -39.11 -1.80 -7.91
C MET A 272 -38.35 -2.22 -6.66
#